data_2FRY
#
_entry.id   2FRY
#
_entity_poly.entity_id   1
_entity_poly.type   'polypeptide(L)'
_entity_poly.pdbx_seq_one_letter_code
;GSHVVQTLYPFSSVTEEELNFEKGETMEVIEKPENDPEWWKCKNARGQVGLVPKNYVVVLS
;
_entity_poly.pdbx_strand_id   A
#
# COMPACT_ATOMS: atom_id res chain seq x y z
N GLY A 1 13.20 -12.42 3.16
CA GLY A 1 13.70 -11.89 1.86
C GLY A 1 13.03 -10.58 1.47
N SER A 2 11.99 -10.68 0.64
CA SER A 2 11.27 -9.50 0.19
C SER A 2 9.91 -9.41 0.87
N HIS A 3 9.67 -8.31 1.58
CA HIS A 3 8.39 -8.11 2.24
C HIS A 3 7.39 -7.59 1.22
N VAL A 4 6.27 -8.28 1.11
CA VAL A 4 5.26 -7.90 0.13
C VAL A 4 3.90 -7.74 0.78
N VAL A 5 2.98 -7.12 0.06
CA VAL A 5 1.63 -6.90 0.58
C VAL A 5 0.57 -7.33 -0.43
N GLN A 6 -0.61 -7.65 0.09
CA GLN A 6 -1.73 -8.11 -0.74
C GLN A 6 -3.02 -7.39 -0.36
N THR A 7 -3.96 -7.28 -1.31
CA THR A 7 -5.23 -6.61 -1.01
C THR A 7 -6.40 -7.58 -0.98
N LEU A 8 -7.48 -7.13 -0.37
CA LEU A 8 -8.70 -7.91 -0.25
C LEU A 8 -9.92 -7.09 -0.66
N TYR A 9 -9.90 -5.80 -0.35
CA TYR A 9 -11.01 -4.90 -0.67
C TYR A 9 -10.54 -3.72 -1.51
N PRO A 10 -11.15 -3.52 -2.70
CA PRO A 10 -10.79 -2.41 -3.58
C PRO A 10 -11.27 -1.09 -3.00
N PHE A 11 -10.77 -0.75 -1.82
CA PHE A 11 -11.15 0.47 -1.13
C PHE A 11 -10.28 1.65 -1.54
N SER A 12 -10.84 2.84 -1.41
CA SER A 12 -10.18 4.08 -1.78
C SER A 12 -9.48 4.77 -0.61
N SER A 13 -8.43 5.52 -0.91
CA SER A 13 -7.67 6.26 0.09
C SER A 13 -8.27 7.65 0.28
N VAL A 14 -7.80 8.39 1.29
CA VAL A 14 -8.34 9.73 1.55
C VAL A 14 -7.25 10.79 1.75
N THR A 15 -6.34 10.55 2.68
CA THR A 15 -5.27 11.52 2.97
C THR A 15 -4.60 12.03 1.69
N GLU A 16 -3.96 13.19 1.79
CA GLU A 16 -3.29 13.81 0.66
C GLU A 16 -2.05 13.04 0.24
N GLU A 17 -1.40 12.40 1.21
CA GLU A 17 -0.19 11.62 0.92
C GLU A 17 -0.54 10.19 0.52
N GLU A 18 -1.74 10.01 -0.02
CA GLU A 18 -2.19 8.69 -0.42
C GLU A 18 -2.28 8.56 -1.94
N LEU A 19 -2.74 7.41 -2.38
CA LEU A 19 -2.90 7.14 -3.80
C LEU A 19 -4.20 6.40 -4.06
N ASN A 20 -4.91 6.80 -5.12
CA ASN A 20 -6.18 6.16 -5.44
C ASN A 20 -6.09 5.39 -6.76
N PHE A 21 -5.91 4.07 -6.64
CA PHE A 21 -5.84 3.17 -7.79
C PHE A 21 -6.72 1.97 -7.51
N GLU A 22 -7.08 1.20 -8.54
CA GLU A 22 -7.93 0.05 -8.31
C GLU A 22 -7.09 -1.13 -7.81
N LYS A 23 -7.06 -1.28 -6.49
CA LYS A 23 -6.31 -2.36 -5.85
C LYS A 23 -7.06 -3.69 -5.97
N GLY A 24 -6.32 -4.77 -6.15
CA GLY A 24 -6.94 -6.08 -6.26
C GLY A 24 -5.94 -7.20 -6.07
N GLU A 25 -4.75 -7.02 -6.62
CA GLU A 25 -3.69 -8.01 -6.51
C GLU A 25 -2.76 -7.70 -5.34
N THR A 26 -1.48 -8.04 -5.49
CA THR A 26 -0.51 -7.80 -4.44
C THR A 26 0.46 -6.68 -4.77
N MET A 27 0.85 -5.96 -3.73
CA MET A 27 1.78 -4.85 -3.84
C MET A 27 2.82 -4.99 -2.73
N GLU A 28 3.93 -4.26 -2.84
CA GLU A 28 4.97 -4.34 -1.83
C GLU A 28 5.11 -3.03 -1.07
N VAL A 29 4.98 -3.11 0.25
CA VAL A 29 5.07 -1.94 1.10
C VAL A 29 6.50 -1.74 1.61
N ILE A 30 7.01 -0.54 1.41
CA ILE A 30 8.36 -0.18 1.83
C ILE A 30 8.37 0.42 3.23
N GLU A 31 7.36 1.23 3.51
CA GLU A 31 7.24 1.88 4.82
C GLU A 31 6.48 1.00 5.80
N LYS A 32 7.15 0.60 6.88
CA LYS A 32 6.53 -0.23 7.90
C LYS A 32 6.09 0.60 9.10
N PRO A 33 5.09 0.12 9.86
CA PRO A 33 4.57 0.83 11.02
C PRO A 33 5.39 0.61 12.29
N GLU A 34 6.55 -0.03 12.16
CA GLU A 34 7.42 -0.28 13.31
C GLU A 34 8.37 0.88 13.55
N ASN A 35 8.75 1.56 12.47
CA ASN A 35 9.65 2.70 12.56
C ASN A 35 9.00 3.95 11.99
N ASP A 36 8.22 3.77 10.94
CA ASP A 36 7.52 4.88 10.29
C ASP A 36 6.09 4.99 10.80
N PRO A 37 5.41 6.12 10.54
CA PRO A 37 4.04 6.36 10.98
C PRO A 37 3.14 5.15 10.75
N GLU A 38 1.88 5.27 11.17
CA GLU A 38 0.90 4.19 11.03
C GLU A 38 0.51 3.96 9.57
N TRP A 39 1.03 4.79 8.66
CA TRP A 39 0.71 4.65 7.24
C TRP A 39 1.90 4.08 6.48
N TRP A 40 1.61 3.28 5.46
CA TRP A 40 2.65 2.68 4.64
C TRP A 40 2.44 3.04 3.17
N LYS A 41 3.44 2.74 2.32
CA LYS A 41 3.35 3.07 0.91
C LYS A 41 4.02 2.01 0.04
N CYS A 42 3.37 1.66 -1.07
CA CYS A 42 3.90 0.68 -2.00
C CYS A 42 3.75 1.17 -3.43
N LYS A 43 4.56 0.63 -4.33
CA LYS A 43 4.52 1.05 -5.73
C LYS A 43 3.59 0.17 -6.56
N ASN A 44 2.79 0.84 -7.39
CA ASN A 44 1.84 0.17 -8.26
C ASN A 44 2.32 0.29 -9.69
N ALA A 45 1.62 -0.36 -10.60
CA ALA A 45 1.98 -0.29 -11.99
C ALA A 45 1.56 1.08 -12.55
N ARG A 46 1.10 1.93 -11.64
CA ARG A 46 0.65 3.27 -11.97
C ARG A 46 1.83 4.25 -12.01
N GLY A 47 3.01 3.79 -11.59
CA GLY A 47 4.18 4.65 -11.59
C GLY A 47 4.26 5.51 -10.33
N GLN A 48 3.15 5.60 -9.61
CA GLN A 48 3.08 6.38 -8.38
C GLN A 48 2.76 5.49 -7.19
N VAL A 49 3.44 5.74 -6.08
CA VAL A 49 3.18 5.00 -4.86
C VAL A 49 2.75 5.97 -3.78
N GLY A 50 1.60 5.70 -3.19
CA GLY A 50 1.10 6.56 -2.14
C GLY A 50 0.99 5.81 -0.84
N LEU A 51 0.18 6.33 0.05
CA LEU A 51 -0.03 5.69 1.33
C LEU A 51 -1.30 4.85 1.28
N VAL A 52 -1.12 3.54 1.32
CA VAL A 52 -2.25 2.62 1.27
C VAL A 52 -2.73 2.26 2.67
N PRO A 53 -4.05 2.32 2.89
CA PRO A 53 -4.67 1.98 4.17
C PRO A 53 -4.68 0.47 4.42
N LYS A 54 -3.82 0.03 5.32
CA LYS A 54 -3.71 -1.38 5.66
C LYS A 54 -5.07 -1.98 6.02
N ASN A 55 -5.99 -1.12 6.44
CA ASN A 55 -7.32 -1.55 6.82
C ASN A 55 -8.10 -2.06 5.62
N TYR A 56 -7.55 -1.83 4.44
CA TYR A 56 -8.18 -2.26 3.21
C TYR A 56 -7.30 -3.28 2.49
N VAL A 57 -6.30 -3.79 3.21
CA VAL A 57 -5.39 -4.77 2.62
C VAL A 57 -4.84 -5.76 3.64
N VAL A 58 -4.06 -6.71 3.15
CA VAL A 58 -3.41 -7.72 3.97
C VAL A 58 -1.99 -7.94 3.46
N VAL A 59 -1.01 -7.69 4.32
CA VAL A 59 0.39 -7.85 3.92
C VAL A 59 0.72 -9.29 3.60
N LEU A 60 1.61 -9.48 2.63
CA LEU A 60 2.03 -10.81 2.19
C LEU A 60 3.53 -10.85 1.93
N SER A 61 4.27 -11.38 2.89
CA SER A 61 5.72 -11.50 2.78
C SER A 61 6.15 -12.95 2.76
N GLY A 1 14.65 -12.40 -1.36
CA GLY A 1 13.76 -12.09 -0.21
C GLY A 1 13.22 -10.68 -0.26
N SER A 2 11.93 -10.54 0.00
CA SER A 2 11.28 -9.22 -0.02
C SER A 2 9.93 -9.27 0.67
N HIS A 3 9.65 -8.24 1.47
CA HIS A 3 8.36 -8.16 2.16
C HIS A 3 7.32 -7.62 1.20
N VAL A 4 6.27 -8.39 0.97
CA VAL A 4 5.22 -7.99 0.04
C VAL A 4 3.87 -7.92 0.74
N VAL A 5 2.90 -7.33 0.07
CA VAL A 5 1.57 -7.17 0.63
C VAL A 5 0.50 -7.58 -0.38
N GLN A 6 -0.67 -7.94 0.14
CA GLN A 6 -1.78 -8.38 -0.70
C GLN A 6 -2.96 -7.42 -0.61
N THR A 7 -3.62 -7.19 -1.75
CA THR A 7 -4.78 -6.28 -1.79
C THR A 7 -6.06 -7.01 -1.44
N LEU A 8 -6.87 -6.37 -0.61
CA LEU A 8 -8.13 -6.95 -0.16
C LEU A 8 -9.29 -6.11 -0.69
N TYR A 9 -9.11 -4.80 -0.71
CA TYR A 9 -10.13 -3.87 -1.17
C TYR A 9 -9.53 -2.83 -2.13
N PRO A 10 -10.37 -2.15 -2.92
CA PRO A 10 -9.92 -1.13 -3.89
C PRO A 10 -8.91 -0.17 -3.30
N PHE A 11 -8.39 0.72 -4.15
CA PHE A 11 -7.39 1.70 -3.73
C PHE A 11 -8.05 3.02 -3.33
N SER A 12 -7.68 3.52 -2.15
CA SER A 12 -8.21 4.78 -1.67
C SER A 12 -7.09 5.71 -1.19
N SER A 13 -6.96 6.86 -1.85
CA SER A 13 -5.93 7.83 -1.48
C SER A 13 -6.56 9.19 -1.19
N VAL A 14 -6.26 9.75 -0.02
CA VAL A 14 -6.80 11.05 0.38
C VAL A 14 -5.71 11.97 0.91
N THR A 15 -4.89 11.47 1.82
CA THR A 15 -3.81 12.25 2.41
C THR A 15 -2.91 12.84 1.34
N GLU A 16 -1.98 13.71 1.74
CA GLU A 16 -1.07 14.35 0.82
C GLU A 16 -0.02 13.36 0.28
N GLU A 17 0.38 12.42 1.12
CA GLU A 17 1.38 11.42 0.72
C GLU A 17 0.72 10.16 0.16
N GLU A 18 -0.42 10.33 -0.49
CA GLU A 18 -1.14 9.20 -1.09
C GLU A 18 -1.31 9.40 -2.59
N LEU A 19 -1.69 8.34 -3.29
CA LEU A 19 -1.92 8.42 -4.73
C LEU A 19 -2.93 7.38 -5.18
N ASN A 20 -3.68 7.70 -6.23
CA ASN A 20 -4.71 6.81 -6.74
C ASN A 20 -4.23 6.04 -7.96
N PHE A 21 -4.05 4.74 -7.80
CA PHE A 21 -3.60 3.88 -8.88
C PHE A 21 -4.44 2.60 -8.96
N GLU A 22 -4.37 1.91 -10.09
CA GLU A 22 -5.12 0.68 -10.26
C GLU A 22 -4.54 -0.40 -9.36
N LYS A 23 -5.18 -0.62 -8.22
CA LYS A 23 -4.73 -1.60 -7.26
C LYS A 23 -5.01 -3.02 -7.74
N GLY A 24 -3.99 -3.86 -7.73
CA GLY A 24 -4.14 -5.23 -8.14
C GLY A 24 -4.55 -6.12 -6.99
N GLU A 25 -4.07 -7.36 -7.01
CA GLU A 25 -4.36 -8.32 -5.96
C GLU A 25 -3.24 -8.35 -4.94
N THR A 26 -2.10 -7.82 -5.34
CA THR A 26 -0.92 -7.78 -4.48
C THR A 26 -0.12 -6.49 -4.65
N MET A 27 0.44 -6.01 -3.55
CA MET A 27 1.25 -4.79 -3.55
C MET A 27 2.46 -5.01 -2.65
N GLU A 28 3.46 -4.15 -2.78
CA GLU A 28 4.66 -4.27 -1.96
C GLU A 28 4.87 -3.01 -1.14
N VAL A 29 4.72 -3.14 0.17
CA VAL A 29 4.87 -2.01 1.07
C VAL A 29 6.31 -1.88 1.58
N ILE A 30 6.78 -0.63 1.61
CA ILE A 30 8.13 -0.33 2.07
C ILE A 30 8.15 0.10 3.53
N GLU A 31 7.15 0.88 3.92
CA GLU A 31 7.05 1.36 5.30
C GLU A 31 6.25 0.39 6.16
N LYS A 32 6.95 -0.32 7.03
CA LYS A 32 6.31 -1.28 7.93
C LYS A 32 5.69 -0.57 9.13
N PRO A 33 4.49 -0.99 9.56
CA PRO A 33 3.78 -0.40 10.68
C PRO A 33 4.21 -1.00 12.02
N GLU A 34 5.30 -1.75 12.02
CA GLU A 34 5.80 -2.37 13.25
C GLU A 34 6.12 -1.32 14.31
N ASN A 35 6.33 -0.08 13.87
CA ASN A 35 6.63 1.02 14.78
C ASN A 35 5.51 2.05 14.76
N ASP A 36 5.02 2.35 13.57
CA ASP A 36 3.95 3.33 13.40
C ASP A 36 2.76 2.70 12.67
N PRO A 37 1.71 2.31 13.40
CA PRO A 37 0.52 1.70 12.81
C PRO A 37 -0.47 2.73 12.27
N GLU A 38 -0.02 3.51 11.30
CA GLU A 38 -0.87 4.54 10.70
C GLU A 38 -1.17 4.23 9.23
N TRP A 39 -0.19 4.45 8.36
CA TRP A 39 -0.37 4.19 6.93
C TRP A 39 0.95 3.84 6.26
N TRP A 40 0.90 2.96 5.26
CA TRP A 40 2.10 2.57 4.54
C TRP A 40 1.95 2.92 3.06
N LYS A 41 3.05 2.83 2.31
CA LYS A 41 3.06 3.17 0.90
C LYS A 41 3.76 2.11 0.06
N CYS A 42 3.17 1.80 -1.09
CA CYS A 42 3.73 0.80 -1.99
C CYS A 42 3.75 1.35 -3.42
N LYS A 43 4.61 0.79 -4.27
CA LYS A 43 4.73 1.24 -5.64
C LYS A 43 3.82 0.45 -6.57
N ASN A 44 3.26 1.16 -7.56
CA ASN A 44 2.36 0.54 -8.52
C ASN A 44 2.89 0.69 -9.92
N ALA A 45 2.21 0.08 -10.88
CA ALA A 45 2.62 0.14 -12.25
C ALA A 45 2.55 1.57 -12.80
N ARG A 46 1.93 2.46 -12.03
CA ARG A 46 1.82 3.86 -12.44
C ARG A 46 3.10 4.62 -12.06
N GLY A 47 4.03 3.91 -11.42
CA GLY A 47 5.28 4.52 -11.00
C GLY A 47 5.08 5.45 -9.81
N GLN A 48 3.87 5.47 -9.27
CA GLN A 48 3.55 6.31 -8.13
C GLN A 48 3.14 5.50 -6.92
N VAL A 49 3.93 5.57 -5.88
CA VAL A 49 3.63 4.89 -4.64
C VAL A 49 3.13 5.89 -3.63
N GLY A 50 2.04 5.55 -2.98
CA GLY A 50 1.46 6.43 -2.00
C GLY A 50 0.92 5.68 -0.82
N LEU A 51 0.36 6.41 0.11
CA LEU A 51 -0.19 5.83 1.31
C LEU A 51 -1.48 5.09 1.03
N VAL A 52 -1.43 3.78 1.15
CA VAL A 52 -2.58 2.92 0.90
C VAL A 52 -3.22 2.48 2.21
N PRO A 53 -4.55 2.30 2.21
CA PRO A 53 -5.32 1.86 3.38
C PRO A 53 -4.86 0.49 3.86
N LYS A 54 -3.85 0.46 4.70
CA LYS A 54 -3.31 -0.79 5.21
C LYS A 54 -4.40 -1.67 5.83
N ASN A 55 -5.46 -1.03 6.30
CA ASN A 55 -6.57 -1.75 6.91
C ASN A 55 -7.53 -2.28 5.85
N TYR A 56 -7.20 -2.01 4.59
CA TYR A 56 -8.03 -2.46 3.47
C TYR A 56 -7.29 -3.55 2.71
N VAL A 57 -6.22 -4.06 3.31
CA VAL A 57 -5.40 -5.09 2.69
C VAL A 57 -4.78 -6.01 3.75
N VAL A 58 -4.06 -7.02 3.28
CA VAL A 58 -3.37 -7.95 4.17
C VAL A 58 -1.92 -8.11 3.72
N VAL A 59 -0.98 -7.78 4.60
CA VAL A 59 0.43 -7.85 4.25
C VAL A 59 0.91 -9.26 3.98
N LEU A 60 1.85 -9.35 3.06
CA LEU A 60 2.47 -10.59 2.65
C LEU A 60 3.86 -10.69 3.24
N SER A 61 4.40 -11.88 3.24
CA SER A 61 5.73 -12.14 3.77
C SER A 61 5.79 -11.83 5.26
N GLY A 1 12.59 -11.90 3.07
CA GLY A 1 13.57 -10.98 2.44
C GLY A 1 12.91 -9.73 1.89
N SER A 2 11.86 -9.92 1.09
CA SER A 2 11.15 -8.79 0.50
C SER A 2 9.80 -8.58 1.19
N HIS A 3 9.59 -7.37 1.70
CA HIS A 3 8.32 -7.06 2.37
C HIS A 3 7.27 -6.74 1.32
N VAL A 4 6.21 -7.52 1.31
CA VAL A 4 5.15 -7.34 0.34
C VAL A 4 3.78 -7.25 1.02
N VAL A 5 2.79 -6.81 0.27
CA VAL A 5 1.43 -6.69 0.79
C VAL A 5 0.44 -7.24 -0.23
N GLN A 6 -0.74 -7.61 0.25
CA GLN A 6 -1.75 -8.19 -0.62
C GLN A 6 -3.12 -7.56 -0.40
N THR A 7 -3.85 -7.34 -1.49
CA THR A 7 -5.18 -6.76 -1.39
C THR A 7 -6.25 -7.77 -1.78
N LEU A 8 -7.49 -7.45 -1.44
CA LEU A 8 -8.61 -8.33 -1.74
C LEU A 8 -9.65 -7.60 -2.59
N TYR A 9 -9.75 -6.29 -2.41
CA TYR A 9 -10.69 -5.49 -3.17
C TYR A 9 -9.98 -4.33 -3.86
N PRO A 10 -10.61 -3.73 -4.89
CA PRO A 10 -10.02 -2.62 -5.64
C PRO A 10 -9.37 -1.57 -4.73
N PHE A 11 -8.36 -0.90 -5.26
CA PHE A 11 -7.64 0.12 -4.50
C PHE A 11 -8.19 1.51 -4.79
N SER A 12 -8.48 2.26 -3.73
CA SER A 12 -9.03 3.60 -3.86
C SER A 12 -8.22 4.59 -3.02
N SER A 13 -8.07 5.81 -3.54
CA SER A 13 -7.32 6.85 -2.83
C SER A 13 -7.49 8.20 -3.52
N VAL A 14 -7.19 9.28 -2.80
CA VAL A 14 -7.31 10.62 -3.35
C VAL A 14 -6.74 11.66 -2.39
N THR A 15 -5.44 11.93 -2.52
CA THR A 15 -4.78 12.92 -1.67
C THR A 15 -3.48 13.39 -2.29
N GLU A 16 -2.85 14.39 -1.68
CA GLU A 16 -1.60 14.94 -2.17
C GLU A 16 -0.49 13.90 -2.12
N GLU A 17 -0.56 13.02 -1.13
CA GLU A 17 0.44 11.96 -0.98
C GLU A 17 -0.08 10.64 -1.55
N GLU A 18 -1.27 10.25 -1.12
CA GLU A 18 -1.88 9.01 -1.60
C GLU A 18 -2.14 9.09 -3.11
N LEU A 19 -2.16 7.93 -3.77
CA LEU A 19 -2.43 7.90 -5.22
C LEU A 19 -3.13 6.59 -5.59
N ASN A 20 -3.80 6.58 -6.75
CA ASN A 20 -4.57 5.41 -7.18
C ASN A 20 -3.83 4.57 -8.24
N PHE A 21 -4.16 3.28 -8.25
CA PHE A 21 -3.58 2.32 -9.19
C PHE A 21 -4.65 1.46 -9.82
N GLU A 22 -4.31 0.78 -10.91
CA GLU A 22 -5.24 -0.13 -11.57
C GLU A 22 -5.57 -1.27 -10.61
N LYS A 23 -5.97 -2.44 -11.13
CA LYS A 23 -6.30 -3.56 -10.26
C LYS A 23 -5.15 -3.81 -9.30
N GLY A 24 -5.46 -3.86 -8.01
CA GLY A 24 -4.45 -4.08 -7.01
C GLY A 24 -4.76 -5.25 -6.10
N GLU A 25 -4.36 -6.44 -6.53
CA GLU A 25 -4.56 -7.65 -5.74
C GLU A 25 -3.30 -7.94 -4.95
N THR A 26 -2.20 -7.41 -5.45
CA THR A 26 -0.90 -7.57 -4.82
C THR A 26 -0.11 -6.26 -4.85
N MET A 27 0.38 -5.86 -3.69
CA MET A 27 1.16 -4.63 -3.55
C MET A 27 2.34 -4.85 -2.62
N GLU A 28 3.30 -3.94 -2.64
CA GLU A 28 4.48 -4.06 -1.78
C GLU A 28 4.68 -2.81 -0.93
N VAL A 29 4.55 -2.97 0.37
CA VAL A 29 4.73 -1.86 1.30
C VAL A 29 6.15 -1.81 1.83
N ILE A 30 6.77 -0.65 1.70
CA ILE A 30 8.16 -0.45 2.13
C ILE A 30 8.29 -0.24 3.63
N GLU A 31 7.96 0.96 4.10
CA GLU A 31 8.07 1.28 5.51
C GLU A 31 6.84 0.85 6.30
N LYS A 32 7.08 0.26 7.46
CA LYS A 32 6.00 -0.20 8.34
C LYS A 32 5.68 0.86 9.39
N PRO A 33 4.47 0.80 9.98
CA PRO A 33 4.06 1.77 11.00
C PRO A 33 4.73 1.55 12.36
N GLU A 34 5.68 0.62 12.40
CA GLU A 34 6.39 0.33 13.65
C GLU A 34 7.10 1.58 14.16
N ASN A 35 7.58 2.41 13.23
CA ASN A 35 8.26 3.64 13.59
C ASN A 35 7.30 4.83 13.53
N ASP A 36 6.50 4.88 12.47
CA ASP A 36 5.52 5.95 12.30
C ASP A 36 4.12 5.36 12.14
N PRO A 37 3.31 5.38 13.21
CA PRO A 37 1.94 4.84 13.17
C PRO A 37 0.97 5.78 12.48
N GLU A 38 1.27 6.12 11.23
CA GLU A 38 0.42 7.01 10.45
C GLU A 38 -0.07 6.34 9.18
N TRP A 39 0.81 6.25 8.17
CA TRP A 39 0.47 5.63 6.90
C TRP A 39 1.71 5.03 6.23
N TRP A 40 1.49 4.09 5.32
CA TRP A 40 2.58 3.47 4.58
C TRP A 40 2.44 3.79 3.10
N LYS A 41 3.35 3.29 2.29
CA LYS A 41 3.32 3.55 0.86
C LYS A 41 3.95 2.40 0.10
N CYS A 42 3.34 2.03 -1.02
CA CYS A 42 3.83 0.92 -1.82
C CYS A 42 3.91 1.34 -3.29
N LYS A 43 4.80 0.68 -4.04
CA LYS A 43 4.97 0.98 -5.45
C LYS A 43 4.10 0.08 -6.30
N ASN A 44 3.48 0.69 -7.30
CA ASN A 44 2.60 0.00 -8.21
C ASN A 44 3.24 -0.11 -9.57
N ALA A 45 2.60 -0.82 -10.47
CA ALA A 45 3.13 -0.96 -11.80
C ALA A 45 3.00 0.35 -12.57
N ARG A 46 2.37 1.34 -11.93
CA ARG A 46 2.18 2.65 -12.51
C ARG A 46 3.43 3.51 -12.30
N GLY A 47 4.42 2.96 -11.59
CA GLY A 47 5.64 3.69 -11.31
C GLY A 47 5.45 4.71 -10.21
N GLN A 48 4.26 4.69 -9.60
CA GLN A 48 3.91 5.61 -8.53
C GLN A 48 3.63 4.88 -7.23
N VAL A 49 4.12 5.43 -6.13
CA VAL A 49 3.84 4.85 -4.81
C VAL A 49 3.43 5.96 -3.88
N GLY A 50 2.29 5.77 -3.26
CA GLY A 50 1.79 6.75 -2.34
C GLY A 50 1.31 6.13 -1.07
N LEU A 51 0.56 6.89 -0.31
CA LEU A 51 0.05 6.39 0.96
C LEU A 51 -1.24 5.60 0.77
N VAL A 52 -1.26 4.41 1.37
CA VAL A 52 -2.40 3.52 1.27
C VAL A 52 -2.78 2.93 2.63
N PRO A 53 -4.08 2.80 2.91
CA PRO A 53 -4.59 2.25 4.17
C PRO A 53 -4.81 0.74 4.08
N LYS A 54 -3.75 0.00 3.81
CA LYS A 54 -3.82 -1.47 3.67
C LYS A 54 -4.65 -2.14 4.75
N ASN A 55 -5.01 -1.41 5.82
CA ASN A 55 -5.81 -1.99 6.90
C ASN A 55 -6.98 -2.81 6.36
N TYR A 56 -7.36 -2.55 5.10
CA TYR A 56 -8.46 -3.28 4.46
C TYR A 56 -7.91 -4.34 3.53
N VAL A 57 -6.74 -4.87 3.88
CA VAL A 57 -6.08 -5.87 3.05
C VAL A 57 -5.28 -6.83 3.93
N VAL A 58 -4.69 -7.84 3.30
CA VAL A 58 -3.86 -8.79 4.01
C VAL A 58 -2.39 -8.54 3.64
N VAL A 59 -1.61 -8.09 4.59
CA VAL A 59 -0.21 -7.78 4.34
C VAL A 59 0.62 -9.04 4.14
N LEU A 60 1.62 -8.93 3.28
CA LEU A 60 2.50 -10.00 2.98
C LEU A 60 3.81 -9.81 3.74
N SER A 61 4.55 -10.87 3.87
CA SER A 61 5.83 -10.86 4.57
C SER A 61 6.51 -12.21 4.48
N GLY A 1 11.57 -14.13 0.72
CA GLY A 1 12.54 -13.31 1.50
C GLY A 1 12.21 -11.83 1.48
N SER A 2 11.49 -11.40 0.44
CA SER A 2 11.10 -10.01 0.30
C SER A 2 9.78 -9.74 0.98
N HIS A 3 9.65 -8.58 1.61
CA HIS A 3 8.41 -8.20 2.27
C HIS A 3 7.44 -7.67 1.24
N VAL A 4 6.29 -8.32 1.13
CA VAL A 4 5.29 -7.93 0.16
C VAL A 4 3.93 -7.76 0.82
N VAL A 5 3.00 -7.14 0.09
CA VAL A 5 1.66 -6.91 0.60
C VAL A 5 0.61 -7.38 -0.38
N GLN A 6 -0.60 -7.56 0.13
CA GLN A 6 -1.72 -8.04 -0.67
C GLN A 6 -3.01 -7.30 -0.33
N THR A 7 -3.86 -7.10 -1.32
CA THR A 7 -5.13 -6.42 -1.09
C THR A 7 -6.29 -7.41 -1.11
N LEU A 8 -7.42 -6.99 -0.57
CA LEU A 8 -8.59 -7.84 -0.50
C LEU A 8 -9.84 -7.12 -1.02
N TYR A 9 -9.92 -5.82 -0.74
CA TYR A 9 -11.07 -5.03 -1.18
C TYR A 9 -10.65 -3.90 -2.11
N PRO A 10 -11.39 -3.69 -3.21
CA PRO A 10 -11.10 -2.60 -4.16
C PRO A 10 -11.42 -1.25 -3.54
N PHE A 11 -10.77 -0.98 -2.41
CA PHE A 11 -10.99 0.24 -1.67
C PHE A 11 -10.37 1.46 -2.34
N SER A 12 -10.94 2.62 -2.01
CA SER A 12 -10.53 3.89 -2.59
C SER A 12 -9.49 4.58 -1.71
N SER A 13 -8.64 5.39 -2.36
CA SER A 13 -7.60 6.13 -1.66
C SER A 13 -7.38 7.49 -2.34
N VAL A 14 -7.96 8.53 -1.76
CA VAL A 14 -7.81 9.88 -2.31
C VAL A 14 -7.34 10.87 -1.25
N THR A 15 -6.06 11.23 -1.33
CA THR A 15 -5.46 12.17 -0.38
C THR A 15 -4.20 12.80 -0.96
N GLU A 16 -3.65 13.78 -0.27
CA GLU A 16 -2.45 14.47 -0.73
C GLU A 16 -1.26 13.51 -0.76
N GLU A 17 -1.24 12.56 0.17
CA GLU A 17 -0.15 11.58 0.24
C GLU A 17 -0.65 10.17 -0.09
N GLU A 18 -1.87 10.08 -0.62
CA GLU A 18 -2.45 8.79 -0.97
C GLU A 18 -2.37 8.54 -2.47
N LEU A 19 -2.99 7.45 -2.91
CA LEU A 19 -2.98 7.12 -4.33
C LEU A 19 -4.27 6.41 -4.76
N ASN A 20 -4.52 6.44 -6.06
CA ASN A 20 -5.69 5.81 -6.65
C ASN A 20 -5.29 5.07 -7.93
N PHE A 21 -5.16 3.75 -7.83
CA PHE A 21 -4.75 2.93 -8.97
C PHE A 21 -5.70 1.75 -9.15
N GLU A 22 -5.64 1.14 -10.33
CA GLU A 22 -6.50 0.01 -10.67
C GLU A 22 -6.24 -1.20 -9.75
N LYS A 23 -6.60 -2.39 -10.24
CA LYS A 23 -6.43 -3.61 -9.46
C LYS A 23 -5.00 -3.77 -8.94
N GLY A 24 -4.91 -4.11 -7.67
CA GLY A 24 -3.61 -4.29 -7.04
C GLY A 24 -3.63 -5.35 -5.96
N GLU A 25 -4.08 -6.55 -6.31
CA GLU A 25 -4.15 -7.66 -5.37
C GLU A 25 -2.77 -7.97 -4.85
N THR A 26 -1.76 -7.55 -5.59
CA THR A 26 -0.39 -7.75 -5.20
C THR A 26 0.36 -6.44 -5.15
N MET A 27 0.83 -6.09 -3.96
CA MET A 27 1.57 -4.87 -3.75
C MET A 27 2.74 -5.12 -2.80
N GLU A 28 3.70 -4.20 -2.77
CA GLU A 28 4.85 -4.32 -1.89
C GLU A 28 5.02 -3.08 -1.04
N VAL A 29 4.82 -3.22 0.27
CA VAL A 29 4.94 -2.09 1.18
C VAL A 29 6.38 -1.92 1.63
N ILE A 30 6.98 -0.81 1.21
CA ILE A 30 8.36 -0.48 1.55
C ILE A 30 8.47 0.09 2.96
N GLU A 31 7.51 0.93 3.34
CA GLU A 31 7.51 1.55 4.66
C GLU A 31 6.61 0.80 5.64
N LYS A 32 7.22 0.27 6.70
CA LYS A 32 6.48 -0.48 7.70
C LYS A 32 6.03 0.45 8.83
N PRO A 33 4.81 0.23 9.38
CA PRO A 33 4.27 1.05 10.47
C PRO A 33 4.84 0.66 11.83
N GLU A 34 5.83 -0.21 11.84
CA GLU A 34 6.45 -0.65 13.08
C GLU A 34 7.08 0.53 13.82
N ASN A 35 7.91 1.28 13.11
CA ASN A 35 8.58 2.44 13.69
C ASN A 35 7.85 3.73 13.31
N ASP A 36 7.29 3.75 12.11
CA ASP A 36 6.56 4.91 11.63
C ASP A 36 5.20 5.03 12.31
N PRO A 37 4.54 6.20 12.21
CA PRO A 37 3.24 6.42 12.83
C PRO A 37 2.29 5.23 12.67
N GLU A 38 1.73 5.04 11.47
CA GLU A 38 0.82 3.94 11.23
C GLU A 38 0.38 3.84 9.76
N TRP A 39 1.11 4.47 8.86
CA TRP A 39 0.78 4.42 7.45
C TRP A 39 1.95 3.89 6.62
N TRP A 40 1.63 3.15 5.55
CA TRP A 40 2.68 2.60 4.70
C TRP A 40 2.45 3.00 3.23
N LYS A 41 3.44 2.71 2.39
CA LYS A 41 3.37 3.05 0.97
C LYS A 41 4.03 1.97 0.12
N CYS A 42 3.39 1.62 -0.99
CA CYS A 42 3.91 0.59 -1.88
C CYS A 42 3.88 1.07 -3.33
N LYS A 43 4.79 0.56 -4.13
CA LYS A 43 4.85 0.93 -5.54
C LYS A 43 4.03 -0.02 -6.39
N ASN A 44 3.35 0.56 -7.39
CA ASN A 44 2.50 -0.20 -8.27
C ASN A 44 3.04 -0.13 -9.68
N ALA A 45 2.40 -0.87 -10.59
CA ALA A 45 2.81 -0.86 -11.97
C ALA A 45 2.42 0.46 -12.63
N ARG A 46 1.76 1.32 -11.85
CA ARG A 46 1.33 2.62 -12.33
C ARG A 46 2.47 3.65 -12.22
N GLY A 47 3.58 3.23 -11.59
CA GLY A 47 4.73 4.11 -11.46
C GLY A 47 4.64 5.05 -10.27
N GLN A 48 3.47 5.16 -9.67
CA GLN A 48 3.28 6.04 -8.52
C GLN A 48 2.88 5.25 -7.30
N VAL A 49 3.46 5.61 -6.16
CA VAL A 49 3.14 4.95 -4.91
C VAL A 49 2.66 5.97 -3.89
N GLY A 50 1.50 5.72 -3.33
CA GLY A 50 0.95 6.60 -2.34
C GLY A 50 0.95 5.97 -0.98
N LEU A 51 -0.10 6.22 -0.23
CA LEU A 51 -0.24 5.65 1.09
C LEU A 51 -1.47 4.77 1.15
N VAL A 52 -1.25 3.47 1.25
CA VAL A 52 -2.34 2.51 1.27
C VAL A 52 -2.80 2.20 2.69
N PRO A 53 -4.12 2.23 2.92
CA PRO A 53 -4.72 1.93 4.23
C PRO A 53 -4.71 0.44 4.53
N LYS A 54 -3.85 0.03 5.44
CA LYS A 54 -3.73 -1.37 5.82
C LYS A 54 -5.09 -1.98 6.16
N ASN A 55 -6.02 -1.13 6.56
CA ASN A 55 -7.37 -1.57 6.92
C ASN A 55 -8.11 -2.08 5.71
N TYR A 56 -7.54 -1.83 4.54
CA TYR A 56 -8.14 -2.25 3.29
C TYR A 56 -7.26 -3.25 2.58
N VAL A 57 -6.26 -3.78 3.30
CA VAL A 57 -5.33 -4.73 2.71
C VAL A 57 -4.80 -5.73 3.73
N VAL A 58 -4.02 -6.68 3.22
CA VAL A 58 -3.38 -7.71 4.03
C VAL A 58 -1.97 -7.93 3.51
N VAL A 59 -0.97 -7.67 4.35
CA VAL A 59 0.42 -7.82 3.94
C VAL A 59 0.76 -9.28 3.64
N LEU A 60 1.63 -9.48 2.66
CA LEU A 60 2.03 -10.81 2.25
C LEU A 60 3.53 -10.85 1.96
N SER A 61 4.29 -11.36 2.92
CA SER A 61 5.73 -11.46 2.79
C SER A 61 6.19 -12.92 2.88
N GLY A 1 12.85 -13.49 -0.02
CA GLY A 1 13.76 -12.40 0.44
C GLY A 1 13.11 -11.04 0.41
N SER A 2 12.08 -10.89 -0.44
CA SER A 2 11.38 -9.62 -0.56
C SER A 2 10.05 -9.66 0.17
N HIS A 3 9.80 -8.66 1.01
CA HIS A 3 8.54 -8.58 1.74
C HIS A 3 7.48 -8.01 0.83
N VAL A 4 6.35 -8.69 0.74
CA VAL A 4 5.28 -8.25 -0.13
C VAL A 4 3.95 -8.18 0.61
N VAL A 5 2.97 -7.55 -0.02
CA VAL A 5 1.67 -7.39 0.59
C VAL A 5 0.57 -7.76 -0.40
N GLN A 6 -0.61 -8.05 0.13
CA GLN A 6 -1.75 -8.44 -0.69
C GLN A 6 -2.94 -7.52 -0.45
N THR A 7 -3.66 -7.18 -1.52
CA THR A 7 -4.82 -6.32 -1.39
C THR A 7 -6.11 -7.06 -1.68
N LEU A 8 -7.19 -6.56 -1.11
CA LEU A 8 -8.50 -7.15 -1.30
C LEU A 8 -9.53 -6.09 -1.65
N TYR A 9 -9.44 -4.94 -1.00
CA TYR A 9 -10.38 -3.84 -1.23
C TYR A 9 -9.77 -2.77 -2.14
N PRO A 10 -10.62 -1.91 -2.73
CA PRO A 10 -10.18 -0.84 -3.64
C PRO A 10 -9.12 0.08 -3.00
N PHE A 11 -8.74 1.12 -3.74
CA PHE A 11 -7.74 2.08 -3.26
C PHE A 11 -8.34 3.48 -3.16
N SER A 12 -8.10 4.15 -2.03
CA SER A 12 -8.62 5.50 -1.83
C SER A 12 -7.52 6.45 -1.37
N SER A 13 -7.25 7.48 -2.17
CA SER A 13 -6.23 8.47 -1.83
C SER A 13 -6.85 9.65 -1.08
N VAL A 14 -6.15 10.15 -0.06
CA VAL A 14 -6.67 11.27 0.72
C VAL A 14 -5.57 12.23 1.20
N THR A 15 -4.37 11.72 1.44
CA THR A 15 -3.27 12.55 1.92
C THR A 15 -2.54 13.24 0.78
N GLU A 16 -1.77 14.28 1.11
CA GLU A 16 -1.02 15.05 0.12
C GLU A 16 0.02 14.17 -0.58
N GLU A 17 0.63 13.27 0.18
CA GLU A 17 1.64 12.37 -0.37
C GLU A 17 1.02 11.01 -0.65
N GLU A 18 -0.26 11.03 -1.03
CA GLU A 18 -0.98 9.81 -1.34
C GLU A 18 -1.10 9.61 -2.85
N LEU A 19 -1.68 8.48 -3.25
CA LEU A 19 -1.84 8.19 -4.66
C LEU A 19 -3.14 7.46 -4.95
N ASN A 20 -3.49 7.45 -6.22
CA ASN A 20 -4.69 6.77 -6.68
C ASN A 20 -4.38 5.96 -7.93
N PHE A 21 -4.19 4.66 -7.74
CA PHE A 21 -3.90 3.76 -8.85
C PHE A 21 -4.73 2.49 -8.75
N GLU A 22 -4.93 1.82 -9.88
CA GLU A 22 -5.71 0.59 -9.90
C GLU A 22 -5.02 -0.49 -9.09
N LYS A 23 -5.46 -0.65 -7.85
CA LYS A 23 -4.88 -1.64 -6.96
C LYS A 23 -5.31 -3.05 -7.34
N GLY A 24 -4.34 -3.97 -7.37
CA GLY A 24 -4.63 -5.34 -7.71
C GLY A 24 -4.82 -6.20 -6.47
N GLU A 25 -4.46 -7.47 -6.58
CA GLU A 25 -4.58 -8.39 -5.46
C GLU A 25 -3.28 -8.49 -4.68
N THR A 26 -2.20 -8.06 -5.31
CA THR A 26 -0.88 -8.11 -4.68
C THR A 26 -0.14 -6.79 -4.81
N MET A 27 0.42 -6.34 -3.69
CA MET A 27 1.20 -5.11 -3.63
C MET A 27 2.43 -5.31 -2.75
N GLU A 28 3.39 -4.40 -2.86
CA GLU A 28 4.61 -4.51 -2.05
C GLU A 28 4.80 -3.24 -1.22
N VAL A 29 4.82 -3.41 0.10
CA VAL A 29 4.98 -2.28 1.02
C VAL A 29 6.44 -2.08 1.40
N ILE A 30 6.85 -0.81 1.44
CA ILE A 30 8.21 -0.45 1.80
C ILE A 30 8.30 -0.07 3.28
N GLU A 31 7.32 0.72 3.74
CA GLU A 31 7.28 1.15 5.13
C GLU A 31 6.12 0.48 5.86
N LYS A 32 6.44 -0.27 6.91
CA LYS A 32 5.42 -0.98 7.68
C LYS A 32 5.06 -0.22 8.95
N PRO A 33 3.76 -0.18 9.30
CA PRO A 33 3.28 0.51 10.49
C PRO A 33 3.22 -0.41 11.71
N GLU A 34 3.92 -1.55 11.63
CA GLU A 34 3.94 -2.50 12.74
C GLU A 34 4.89 -2.05 13.83
N ASN A 35 6.02 -1.46 13.42
CA ASN A 35 7.01 -0.97 14.37
C ASN A 35 6.83 0.52 14.62
N ASP A 36 6.62 1.28 13.54
CA ASP A 36 6.43 2.71 13.64
C ASP A 36 5.10 3.13 13.01
N PRO A 37 4.07 3.37 13.84
CA PRO A 37 2.75 3.78 13.34
C PRO A 37 2.78 5.10 12.60
N GLU A 38 3.21 5.06 11.33
CA GLU A 38 3.30 6.25 10.51
C GLU A 38 2.40 6.13 9.28
N TRP A 39 2.90 5.48 8.23
CA TRP A 39 2.14 5.30 7.00
C TRP A 39 2.55 4.04 6.26
N TRP A 40 1.69 3.57 5.37
CA TRP A 40 1.95 2.37 4.59
C TRP A 40 1.79 2.72 3.12
N LYS A 41 2.92 2.78 2.42
CA LYS A 41 2.96 3.16 1.01
C LYS A 41 3.61 2.09 0.16
N CYS A 42 3.04 1.83 -1.00
CA CYS A 42 3.56 0.82 -1.90
C CYS A 42 3.76 1.41 -3.30
N LYS A 43 4.64 0.79 -4.08
CA LYS A 43 4.93 1.26 -5.42
C LYS A 43 4.04 0.58 -6.46
N ASN A 44 3.65 1.37 -7.45
CA ASN A 44 2.79 0.91 -8.53
C ASN A 44 3.48 1.12 -9.87
N ALA A 45 2.84 0.66 -10.93
CA ALA A 45 3.40 0.80 -12.25
C ALA A 45 3.43 2.25 -12.72
N ARG A 46 2.95 3.17 -11.88
CA ARG A 46 2.94 4.59 -12.23
C ARG A 46 4.30 5.23 -11.91
N GLY A 47 5.17 4.47 -11.25
CA GLY A 47 6.47 4.99 -10.87
C GLY A 47 6.42 5.78 -9.59
N GLN A 48 5.21 6.09 -9.13
CA GLN A 48 4.99 6.84 -7.91
C GLN A 48 4.23 6.01 -6.89
N VAL A 49 4.64 6.06 -5.64
CA VAL A 49 3.97 5.32 -4.60
C VAL A 49 3.35 6.26 -3.57
N GLY A 50 2.09 6.04 -3.26
CA GLY A 50 1.41 6.86 -2.30
C GLY A 50 1.01 6.10 -1.07
N LEU A 51 0.05 6.64 -0.35
CA LEU A 51 -0.43 6.01 0.87
C LEU A 51 -1.70 5.22 0.61
N VAL A 52 -1.70 3.99 1.10
CA VAL A 52 -2.82 3.07 0.91
C VAL A 52 -3.47 2.66 2.22
N PRO A 53 -4.78 2.36 2.18
CA PRO A 53 -5.54 1.90 3.36
C PRO A 53 -4.99 0.59 3.90
N LYS A 54 -3.93 0.68 4.70
CA LYS A 54 -3.30 -0.50 5.28
C LYS A 54 -4.31 -1.44 5.94
N ASN A 55 -5.42 -0.88 6.40
CA ASN A 55 -6.46 -1.66 7.06
C ASN A 55 -7.36 -2.36 6.03
N TYR A 56 -7.24 -1.96 4.78
CA TYR A 56 -8.03 -2.54 3.71
C TYR A 56 -7.19 -3.52 2.90
N VAL A 57 -6.24 -4.18 3.56
CA VAL A 57 -5.34 -5.10 2.89
C VAL A 57 -4.85 -6.23 3.80
N VAL A 58 -4.08 -7.14 3.21
CA VAL A 58 -3.48 -8.25 3.94
C VAL A 58 -2.02 -8.42 3.50
N VAL A 59 -1.08 -8.17 4.43
CA VAL A 59 0.34 -8.24 4.13
C VAL A 59 0.83 -9.64 3.78
N LEU A 60 1.83 -9.66 2.90
CA LEU A 60 2.47 -10.88 2.47
C LEU A 60 3.86 -10.96 3.10
N SER A 61 4.42 -12.14 3.06
CA SER A 61 5.75 -12.39 3.63
C SER A 61 6.79 -11.46 3.03
N GLY A 1 10.36 -14.84 0.78
CA GLY A 1 11.63 -14.09 0.81
C GLY A 1 11.41 -12.58 0.83
N SER A 2 11.03 -12.03 -0.32
CA SER A 2 10.77 -10.60 -0.44
C SER A 2 9.57 -10.18 0.39
N HIS A 3 9.64 -9.00 1.00
CA HIS A 3 8.53 -8.50 1.79
C HIS A 3 7.51 -7.88 0.86
N VAL A 4 6.35 -8.52 0.77
CA VAL A 4 5.29 -8.05 -0.11
C VAL A 4 3.98 -7.93 0.63
N VAL A 5 3.02 -7.27 0.00
CA VAL A 5 1.71 -7.08 0.60
C VAL A 5 0.60 -7.48 -0.37
N GLN A 6 -0.52 -7.90 0.18
CA GLN A 6 -1.64 -8.35 -0.63
C GLN A 6 -2.85 -7.45 -0.44
N THR A 7 -3.61 -7.24 -1.51
CA THR A 7 -4.79 -6.39 -1.46
C THR A 7 -6.06 -7.17 -1.73
N LEU A 8 -7.16 -6.67 -1.18
CA LEU A 8 -8.45 -7.31 -1.35
C LEU A 8 -9.51 -6.29 -1.77
N TYR A 9 -9.51 -5.13 -1.11
CA TYR A 9 -10.49 -4.08 -1.41
C TYR A 9 -9.89 -2.99 -2.29
N PRO A 10 -10.74 -2.24 -3.02
CA PRO A 10 -10.30 -1.15 -3.90
C PRO A 10 -9.54 -0.08 -3.14
N PHE A 11 -8.80 0.75 -3.88
CA PHE A 11 -8.01 1.81 -3.26
C PHE A 11 -8.56 3.19 -3.61
N SER A 12 -8.65 4.05 -2.60
CA SER A 12 -9.15 5.41 -2.79
C SER A 12 -8.17 6.42 -2.18
N SER A 13 -7.64 7.30 -3.01
CA SER A 13 -6.68 8.30 -2.55
C SER A 13 -7.33 9.68 -2.43
N VAL A 14 -6.93 10.42 -1.41
CA VAL A 14 -7.47 11.75 -1.17
C VAL A 14 -6.36 12.75 -0.82
N THR A 15 -5.46 12.33 0.07
CA THR A 15 -4.35 13.17 0.50
C THR A 15 -3.38 13.42 -0.65
N GLU A 16 -2.41 14.29 -0.43
CA GLU A 16 -1.41 14.62 -1.44
C GLU A 16 -0.39 13.49 -1.58
N GLU A 17 -0.03 12.88 -0.44
CA GLU A 17 0.93 11.79 -0.44
C GLU A 17 0.40 10.60 -1.23
N GLU A 18 -0.83 10.22 -0.94
CA GLU A 18 -1.48 9.10 -1.61
C GLU A 18 -1.45 9.29 -3.13
N LEU A 19 -2.16 8.42 -3.86
CA LEU A 19 -2.26 8.50 -5.31
C LEU A 19 -3.15 7.39 -5.84
N ASN A 20 -3.69 7.58 -7.05
CA ASN A 20 -4.61 6.60 -7.63
C ASN A 20 -3.92 5.71 -8.66
N PHE A 21 -3.86 4.41 -8.37
CA PHE A 21 -3.25 3.43 -9.25
C PHE A 21 -4.15 2.21 -9.39
N GLU A 22 -3.93 1.40 -10.41
CA GLU A 22 -4.74 0.21 -10.62
C GLU A 22 -4.53 -0.77 -9.48
N LYS A 23 -5.53 -0.90 -8.62
CA LYS A 23 -5.45 -1.79 -7.47
C LYS A 23 -5.57 -3.25 -7.90
N GLY A 24 -4.54 -4.04 -7.58
CA GLY A 24 -4.55 -5.44 -7.91
C GLY A 24 -4.83 -6.29 -6.69
N GLU A 25 -4.33 -7.52 -6.70
CA GLU A 25 -4.52 -8.44 -5.60
C GLU A 25 -3.33 -8.40 -4.65
N THR A 26 -2.34 -7.58 -4.96
CA THR A 26 -1.16 -7.48 -4.11
C THR A 26 -0.24 -6.32 -4.49
N MET A 27 0.38 -5.76 -3.46
CA MET A 27 1.32 -4.66 -3.61
C MET A 27 2.50 -4.89 -2.67
N GLU A 28 3.58 -4.17 -2.89
CA GLU A 28 4.77 -4.32 -2.04
C GLU A 28 5.02 -3.04 -1.26
N VAL A 29 4.87 -3.12 0.04
CA VAL A 29 5.05 -1.97 0.91
C VAL A 29 6.50 -1.84 1.40
N ILE A 30 7.03 -0.64 1.29
CA ILE A 30 8.41 -0.36 1.69
C ILE A 30 8.51 -0.14 3.19
N GLU A 31 8.20 1.06 3.65
CA GLU A 31 8.27 1.40 5.07
C GLU A 31 7.12 0.76 5.83
N LYS A 32 7.45 0.06 6.91
CA LYS A 32 6.45 -0.59 7.73
C LYS A 32 6.24 0.17 9.04
N PRO A 33 5.03 0.71 9.27
CA PRO A 33 4.72 1.47 10.49
C PRO A 33 4.75 0.60 11.75
N GLU A 34 5.91 0.04 12.05
CA GLU A 34 6.08 -0.81 13.22
C GLU A 34 6.44 0.02 14.45
N ASN A 35 7.49 0.83 14.32
CA ASN A 35 7.95 1.67 15.43
C ASN A 35 7.17 2.98 15.45
N ASP A 36 6.99 3.58 14.28
CA ASP A 36 6.26 4.85 14.18
C ASP A 36 4.90 4.63 13.52
N PRO A 37 3.82 4.57 14.31
CA PRO A 37 2.46 4.37 13.78
C PRO A 37 1.99 5.54 12.93
N GLU A 38 1.85 5.31 11.63
CA GLU A 38 1.40 6.35 10.72
C GLU A 38 0.70 5.74 9.50
N TRP A 39 1.43 5.62 8.39
CA TRP A 39 0.86 5.04 7.17
C TRP A 39 1.96 4.38 6.33
N TRP A 40 1.58 3.49 5.41
CA TRP A 40 2.55 2.84 4.56
C TRP A 40 2.30 3.17 3.09
N LYS A 41 3.34 3.00 2.27
CA LYS A 41 3.25 3.31 0.84
C LYS A 41 3.91 2.23 0.00
N CYS A 42 3.28 1.87 -1.11
CA CYS A 42 3.80 0.85 -2.00
C CYS A 42 3.73 1.33 -3.44
N LYS A 43 4.52 0.72 -4.32
CA LYS A 43 4.56 1.12 -5.72
C LYS A 43 3.58 0.34 -6.57
N ASN A 44 3.00 1.04 -7.54
CA ASN A 44 2.03 0.46 -8.46
C ASN A 44 2.56 0.52 -9.86
N ALA A 45 1.82 -0.07 -10.79
CA ALA A 45 2.23 -0.07 -12.18
C ALA A 45 2.13 1.34 -12.77
N ARG A 46 1.62 2.26 -11.97
CA ARG A 46 1.47 3.65 -12.40
C ARG A 46 2.78 4.42 -12.18
N GLY A 47 3.75 3.77 -11.53
CA GLY A 47 5.01 4.42 -11.25
C GLY A 47 4.90 5.35 -10.06
N GLN A 48 3.71 5.37 -9.43
CA GLN A 48 3.46 6.21 -8.27
C GLN A 48 3.12 5.38 -7.06
N VAL A 49 3.97 5.44 -6.05
CA VAL A 49 3.67 4.73 -4.82
C VAL A 49 3.12 5.73 -3.83
N GLY A 50 1.97 5.44 -3.31
CA GLY A 50 1.36 6.34 -2.36
C GLY A 50 0.95 5.65 -1.10
N LEU A 51 0.38 6.42 -0.21
CA LEU A 51 -0.05 5.92 1.07
C LEU A 51 -1.31 5.07 0.94
N VAL A 52 -1.31 3.93 1.61
CA VAL A 52 -2.44 3.00 1.56
C VAL A 52 -2.84 2.54 2.95
N PRO A 53 -4.15 2.42 3.20
CA PRO A 53 -4.68 1.96 4.48
C PRO A 53 -4.62 0.44 4.60
N LYS A 54 -3.80 -0.04 5.53
CA LYS A 54 -3.65 -1.47 5.76
C LYS A 54 -4.97 -2.14 6.09
N ASN A 55 -5.97 -1.33 6.40
CA ASN A 55 -7.29 -1.82 6.77
C ASN A 55 -8.04 -2.33 5.55
N TYR A 56 -7.48 -2.09 4.38
CA TYR A 56 -8.11 -2.52 3.14
C TYR A 56 -7.21 -3.51 2.41
N VAL A 57 -6.24 -4.06 3.13
CA VAL A 57 -5.31 -5.01 2.54
C VAL A 57 -4.79 -6.02 3.58
N VAL A 58 -4.01 -6.97 3.10
CA VAL A 58 -3.39 -7.99 3.95
C VAL A 58 -1.93 -8.14 3.55
N VAL A 59 -1.03 -7.81 4.46
CA VAL A 59 0.40 -7.88 4.17
C VAL A 59 0.90 -9.30 3.91
N LEU A 60 1.88 -9.38 3.02
CA LEU A 60 2.51 -10.61 2.64
C LEU A 60 3.91 -10.67 3.23
N SER A 61 4.47 -11.85 3.24
CA SER A 61 5.81 -12.06 3.77
C SER A 61 6.57 -13.09 2.95
N GLY A 1 12.72 -13.28 1.20
CA GLY A 1 13.55 -12.43 0.31
C GLY A 1 13.14 -10.96 0.38
N SER A 2 11.90 -10.68 0.03
CA SER A 2 11.40 -9.31 0.05
C SER A 2 10.04 -9.23 0.76
N HIS A 3 9.79 -8.13 1.43
CA HIS A 3 8.52 -7.93 2.12
C HIS A 3 7.48 -7.48 1.11
N VAL A 4 6.40 -8.24 0.99
CA VAL A 4 5.35 -7.92 0.04
C VAL A 4 4.01 -7.83 0.73
N VAL A 5 3.03 -7.30 0.02
CA VAL A 5 1.68 -7.15 0.58
C VAL A 5 0.62 -7.62 -0.38
N GLN A 6 -0.54 -7.95 0.17
CA GLN A 6 -1.65 -8.44 -0.63
C GLN A 6 -2.87 -7.56 -0.43
N THR A 7 -3.58 -7.28 -1.51
CA THR A 7 -4.77 -6.43 -1.43
C THR A 7 -6.04 -7.21 -1.72
N LEU A 8 -7.14 -6.69 -1.20
CA LEU A 8 -8.44 -7.32 -1.40
C LEU A 8 -9.48 -6.29 -1.85
N TYR A 9 -9.43 -5.10 -1.25
CA TYR A 9 -10.36 -4.03 -1.59
C TYR A 9 -9.76 -3.08 -2.64
N PRO A 10 -10.61 -2.29 -3.31
CA PRO A 10 -10.17 -1.35 -4.35
C PRO A 10 -9.09 -0.39 -3.85
N PHE A 11 -8.85 0.66 -4.62
CA PHE A 11 -7.84 1.65 -4.26
C PHE A 11 -8.48 2.92 -3.69
N SER A 12 -8.00 3.36 -2.54
CA SER A 12 -8.53 4.56 -1.91
C SER A 12 -7.39 5.52 -1.52
N SER A 13 -7.40 6.71 -2.09
CA SER A 13 -6.37 7.70 -1.80
C SER A 13 -6.96 9.11 -1.80
N VAL A 14 -6.88 9.78 -0.66
CA VAL A 14 -7.41 11.13 -0.51
C VAL A 14 -6.55 11.96 0.43
N THR A 15 -5.26 12.04 0.12
CA THR A 15 -4.32 12.81 0.94
C THR A 15 -3.18 13.37 0.08
N GLU A 16 -2.35 14.21 0.68
CA GLU A 16 -1.23 14.81 -0.02
C GLU A 16 -0.10 13.79 -0.21
N GLU A 17 0.05 12.90 0.77
CA GLU A 17 1.09 11.87 0.71
C GLU A 17 0.50 10.54 0.23
N GLU A 18 -0.55 10.63 -0.58
CA GLU A 18 -1.20 9.44 -1.12
C GLU A 18 -1.26 9.51 -2.65
N LEU A 19 -2.03 8.62 -3.27
CA LEU A 19 -2.20 8.60 -4.72
C LEU A 19 -3.17 7.49 -5.12
N ASN A 20 -3.90 7.70 -6.21
CA ASN A 20 -4.88 6.72 -6.66
C ASN A 20 -4.35 5.89 -7.83
N PHE A 21 -4.22 4.59 -7.60
CA PHE A 21 -3.74 3.67 -8.62
C PHE A 21 -4.62 2.42 -8.67
N GLU A 22 -4.55 1.67 -9.76
CA GLU A 22 -5.35 0.46 -9.89
C GLU A 22 -4.75 -0.66 -9.06
N LYS A 23 -5.29 -0.85 -7.86
CA LYS A 23 -4.82 -1.88 -6.95
C LYS A 23 -5.27 -3.26 -7.41
N GLY A 24 -4.40 -4.25 -7.22
CA GLY A 24 -4.72 -5.61 -7.61
C GLY A 24 -4.84 -6.51 -6.40
N GLU A 25 -4.40 -7.76 -6.55
CA GLU A 25 -4.46 -8.72 -5.47
C GLU A 25 -3.15 -8.78 -4.72
N THR A 26 -2.10 -8.24 -5.33
CA THR A 26 -0.78 -8.23 -4.72
C THR A 26 -0.08 -6.88 -4.87
N MET A 27 0.48 -6.40 -3.76
CA MET A 27 1.20 -5.15 -3.73
C MET A 27 2.46 -5.30 -2.88
N GLU A 28 3.39 -4.36 -3.00
CA GLU A 28 4.63 -4.42 -2.22
C GLU A 28 4.82 -3.15 -1.42
N VAL A 29 4.78 -3.27 -0.10
CA VAL A 29 4.94 -2.13 0.79
C VAL A 29 6.37 -2.00 1.27
N ILE A 30 6.86 -0.77 1.29
CA ILE A 30 8.23 -0.47 1.72
C ILE A 30 8.29 -0.28 3.23
N GLU A 31 7.87 0.88 3.70
CA GLU A 31 7.88 1.18 5.13
C GLU A 31 6.83 0.36 5.86
N LYS A 32 7.29 -0.44 6.82
CA LYS A 32 6.38 -1.29 7.60
C LYS A 32 6.11 -0.68 8.97
N PRO A 33 4.91 -0.93 9.54
CA PRO A 33 4.54 -0.40 10.85
C PRO A 33 5.22 -1.15 12.00
N GLU A 34 6.54 -1.21 11.96
CA GLU A 34 7.30 -1.90 13.00
C GLU A 34 7.63 -0.96 14.15
N ASN A 35 7.89 0.31 13.82
CA ASN A 35 8.22 1.31 14.83
C ASN A 35 7.13 2.36 14.94
N ASP A 36 6.55 2.71 13.79
CA ASP A 36 5.49 3.72 13.75
C ASP A 36 4.22 3.16 13.11
N PRO A 37 3.22 2.76 13.93
CA PRO A 37 1.96 2.22 13.42
C PRO A 37 1.06 3.29 12.83
N GLU A 38 1.56 3.99 11.80
CA GLU A 38 0.81 5.04 11.14
C GLU A 38 0.22 4.57 9.82
N TRP A 39 0.99 4.70 8.74
CA TRP A 39 0.53 4.29 7.41
C TRP A 39 1.71 3.88 6.54
N TRP A 40 1.46 2.99 5.58
CA TRP A 40 2.52 2.55 4.68
C TRP A 40 2.23 2.99 3.24
N LYS A 41 3.20 2.77 2.37
CA LYS A 41 3.10 3.17 0.97
C LYS A 41 3.77 2.15 0.06
N CYS A 42 3.14 1.84 -1.07
CA CYS A 42 3.68 0.86 -2.00
C CYS A 42 3.65 1.41 -3.42
N LYS A 43 4.49 0.86 -4.29
CA LYS A 43 4.57 1.32 -5.67
C LYS A 43 3.65 0.52 -6.57
N ASN A 44 3.06 1.21 -7.54
CA ASN A 44 2.13 0.59 -8.47
C ASN A 44 2.63 0.76 -9.89
N ALA A 45 1.92 0.14 -10.82
CA ALA A 45 2.30 0.21 -12.21
C ALA A 45 2.22 1.64 -12.74
N ARG A 46 1.61 2.53 -11.95
CA ARG A 46 1.48 3.93 -12.34
C ARG A 46 2.76 4.69 -11.97
N GLY A 47 3.73 3.99 -11.40
CA GLY A 47 4.97 4.62 -10.99
C GLY A 47 4.78 5.54 -9.81
N GLN A 48 3.59 5.52 -9.23
CA GLN A 48 3.27 6.37 -8.09
C GLN A 48 2.91 5.56 -6.87
N VAL A 49 3.74 5.65 -5.84
CA VAL A 49 3.49 4.96 -4.60
C VAL A 49 3.04 5.97 -3.56
N GLY A 50 1.96 5.64 -2.89
CA GLY A 50 1.43 6.51 -1.89
C GLY A 50 0.96 5.75 -0.69
N LEU A 51 0.27 6.45 0.19
CA LEU A 51 -0.23 5.85 1.39
C LEU A 51 -1.52 5.08 1.14
N VAL A 52 -1.41 3.75 1.16
CA VAL A 52 -2.54 2.87 0.92
C VAL A 52 -3.23 2.51 2.23
N PRO A 53 -4.57 2.33 2.18
CA PRO A 53 -5.37 1.93 3.35
C PRO A 53 -4.92 0.57 3.89
N LYS A 54 -3.95 0.59 4.79
CA LYS A 54 -3.44 -0.64 5.36
C LYS A 54 -4.56 -1.51 5.93
N ASN A 55 -5.66 -0.88 6.30
CA ASN A 55 -6.81 -1.60 6.85
C ASN A 55 -7.66 -2.21 5.74
N TYR A 56 -7.33 -1.88 4.51
CA TYR A 56 -8.06 -2.39 3.35
C TYR A 56 -7.22 -3.41 2.60
N VAL A 57 -6.23 -3.97 3.27
CA VAL A 57 -5.35 -4.94 2.65
C VAL A 57 -4.80 -5.95 3.66
N VAL A 58 -4.04 -6.92 3.16
CA VAL A 58 -3.41 -7.93 4.00
C VAL A 58 -1.94 -8.06 3.58
N VAL A 59 -1.05 -7.69 4.48
CA VAL A 59 0.39 -7.72 4.19
C VAL A 59 0.93 -9.12 3.98
N LEU A 60 1.93 -9.20 3.11
CA LEU A 60 2.60 -10.43 2.78
C LEU A 60 3.98 -10.43 3.44
N SER A 61 4.56 -11.59 3.50
CA SER A 61 5.88 -11.77 4.10
C SER A 61 6.41 -13.18 3.89
N GLY A 1 12.84 -12.86 2.03
CA GLY A 1 13.51 -11.96 1.04
C GLY A 1 12.82 -10.61 0.91
N SER A 2 11.99 -10.46 -0.12
CA SER A 2 11.28 -9.22 -0.35
C SER A 2 9.94 -9.23 0.39
N HIS A 3 9.70 -8.18 1.19
CA HIS A 3 8.45 -8.07 1.90
C HIS A 3 7.38 -7.53 0.97
N VAL A 4 6.28 -8.26 0.84
CA VAL A 4 5.21 -7.85 -0.05
C VAL A 4 3.89 -7.85 0.67
N VAL A 5 2.88 -7.27 0.05
CA VAL A 5 1.57 -7.20 0.65
C VAL A 5 0.48 -7.62 -0.33
N GLN A 6 -0.56 -8.22 0.21
CA GLN A 6 -1.68 -8.70 -0.57
C GLN A 6 -2.89 -7.79 -0.38
N THR A 7 -3.63 -7.52 -1.46
CA THR A 7 -4.77 -6.64 -1.35
C THR A 7 -6.08 -7.36 -1.61
N LEU A 8 -7.15 -6.80 -1.05
CA LEU A 8 -8.48 -7.36 -1.19
C LEU A 8 -9.47 -6.26 -1.59
N TYR A 9 -9.33 -5.09 -0.99
CA TYR A 9 -10.21 -3.96 -1.27
C TYR A 9 -9.43 -2.79 -1.86
N PRO A 10 -10.04 -2.01 -2.77
CA PRO A 10 -9.38 -0.86 -3.40
C PRO A 10 -8.99 0.23 -2.41
N PHE A 11 -8.10 1.11 -2.84
CA PHE A 11 -7.65 2.22 -2.01
C PHE A 11 -8.02 3.56 -2.64
N SER A 12 -8.18 4.59 -1.82
CA SER A 12 -8.56 5.91 -2.30
C SER A 12 -7.59 6.98 -1.84
N SER A 13 -7.23 7.87 -2.75
CA SER A 13 -6.31 8.96 -2.46
C SER A 13 -7.03 10.11 -1.77
N VAL A 14 -6.27 11.00 -1.14
CA VAL A 14 -6.83 12.15 -0.45
C VAL A 14 -5.72 13.09 0.03
N THR A 15 -4.67 12.50 0.58
CA THR A 15 -3.53 13.28 1.09
C THR A 15 -2.44 13.41 0.03
N GLU A 16 -1.43 14.22 0.33
CA GLU A 16 -0.33 14.44 -0.61
C GLU A 16 0.47 13.16 -0.81
N GLU A 17 0.63 12.38 0.26
CA GLU A 17 1.38 11.12 0.19
C GLU A 17 0.47 9.98 -0.28
N GLU A 18 -0.81 10.29 -0.46
CA GLU A 18 -1.79 9.30 -0.91
C GLU A 18 -1.69 9.10 -2.41
N LEU A 19 -2.40 8.09 -2.91
CA LEU A 19 -2.39 7.80 -4.35
C LEU A 19 -3.60 6.98 -4.77
N ASN A 20 -3.94 7.09 -6.05
CA ASN A 20 -5.05 6.35 -6.62
C ASN A 20 -4.65 5.76 -7.97
N PHE A 21 -4.35 4.47 -7.95
CA PHE A 21 -3.92 3.73 -9.14
C PHE A 21 -4.71 2.43 -9.25
N GLU A 22 -4.66 1.79 -10.41
CA GLU A 22 -5.40 0.54 -10.61
C GLU A 22 -4.90 -0.54 -9.66
N LYS A 23 -5.68 -0.75 -8.60
CA LYS A 23 -5.36 -1.72 -7.55
C LYS A 23 -5.55 -3.15 -8.00
N GLY A 24 -4.67 -4.02 -7.52
CA GLY A 24 -4.76 -5.43 -7.83
C GLY A 24 -4.94 -6.24 -6.56
N GLU A 25 -4.64 -7.53 -6.62
CA GLU A 25 -4.74 -8.39 -5.45
C GLU A 25 -3.40 -8.52 -4.76
N THR A 26 -2.45 -7.68 -5.15
CA THR A 26 -1.12 -7.72 -4.56
C THR A 26 -0.39 -6.38 -4.69
N MET A 27 0.20 -5.96 -3.58
CA MET A 27 0.96 -4.72 -3.50
C MET A 27 2.22 -4.95 -2.67
N GLU A 28 3.18 -4.05 -2.74
CA GLU A 28 4.41 -4.21 -1.96
C GLU A 28 4.66 -2.98 -1.11
N VAL A 29 4.55 -3.16 0.20
CA VAL A 29 4.74 -2.08 1.15
C VAL A 29 6.19 -2.02 1.61
N ILE A 30 6.72 -0.81 1.64
CA ILE A 30 8.10 -0.58 2.04
C ILE A 30 8.18 0.00 3.45
N GLU A 31 7.28 0.94 3.75
CA GLU A 31 7.24 1.57 5.06
C GLU A 31 6.31 0.80 6.00
N LYS A 32 6.89 0.10 6.96
CA LYS A 32 6.12 -0.67 7.91
C LYS A 32 5.84 0.14 9.18
N PRO A 33 4.56 0.45 9.45
CA PRO A 33 4.18 1.22 10.64
C PRO A 33 4.61 0.52 11.94
N GLU A 34 5.79 0.88 12.43
CA GLU A 34 6.32 0.29 13.65
C GLU A 34 5.79 1.00 14.89
N ASN A 35 5.94 2.33 14.91
CA ASN A 35 5.48 3.12 16.05
C ASN A 35 4.34 4.05 15.64
N ASP A 36 4.33 4.46 14.38
CA ASP A 36 3.30 5.36 13.87
C ASP A 36 2.25 4.59 13.07
N PRO A 37 1.09 4.29 13.68
CA PRO A 37 0.01 3.56 13.02
C PRO A 37 -0.79 4.43 12.06
N GLU A 38 -0.10 5.01 11.08
CA GLU A 38 -0.75 5.87 10.10
C GLU A 38 -1.05 5.10 8.81
N TRP A 39 -0.15 5.19 7.83
CA TRP A 39 -0.34 4.49 6.56
C TRP A 39 0.99 4.14 5.92
N TRP A 40 1.00 3.08 5.12
CA TRP A 40 2.21 2.65 4.44
C TRP A 40 2.13 3.00 2.95
N LYS A 41 3.24 2.83 2.24
CA LYS A 41 3.30 3.15 0.82
C LYS A 41 3.93 2.05 0.01
N CYS A 42 3.33 1.75 -1.14
CA CYS A 42 3.84 0.73 -2.03
C CYS A 42 4.01 1.34 -3.42
N LYS A 43 4.94 0.81 -4.20
CA LYS A 43 5.16 1.31 -5.54
C LYS A 43 4.32 0.55 -6.55
N ASN A 44 3.62 1.30 -7.40
CA ASN A 44 2.77 0.71 -8.41
C ASN A 44 3.36 0.89 -9.79
N ALA A 45 2.73 0.30 -10.78
CA ALA A 45 3.21 0.40 -12.14
C ALA A 45 2.83 1.75 -12.75
N ARG A 46 2.20 2.61 -11.95
CA ARG A 46 1.81 3.93 -12.41
C ARG A 46 2.98 4.92 -12.30
N GLY A 47 4.08 4.46 -11.70
CA GLY A 47 5.27 5.29 -11.57
C GLY A 47 5.38 6.01 -10.24
N GLN A 48 4.24 6.28 -9.62
CA GLN A 48 4.21 6.99 -8.35
C GLN A 48 3.63 6.15 -7.23
N VAL A 49 4.24 6.21 -6.06
CA VAL A 49 3.73 5.48 -4.90
C VAL A 49 3.05 6.43 -3.93
N GLY A 50 2.02 5.94 -3.26
CA GLY A 50 1.32 6.74 -2.29
C GLY A 50 1.10 5.99 -1.00
N LEU A 51 0.14 6.43 -0.21
CA LEU A 51 -0.16 5.79 1.04
C LEU A 51 -1.44 4.97 0.95
N VAL A 52 -1.32 3.67 1.21
CA VAL A 52 -2.46 2.77 1.15
C VAL A 52 -2.98 2.44 2.55
N PRO A 53 -4.31 2.34 2.69
CA PRO A 53 -4.97 2.00 3.96
C PRO A 53 -4.74 0.54 4.31
N LYS A 54 -3.87 0.31 5.28
CA LYS A 54 -3.55 -1.04 5.71
C LYS A 54 -4.79 -1.82 6.14
N ASN A 55 -5.84 -1.11 6.49
CA ASN A 55 -7.08 -1.74 6.94
C ASN A 55 -7.86 -2.31 5.76
N TYR A 56 -7.42 -1.99 4.56
CA TYR A 56 -8.09 -2.48 3.35
C TYR A 56 -7.21 -3.49 2.62
N VAL A 57 -6.24 -4.05 3.34
CA VAL A 57 -5.32 -5.01 2.73
C VAL A 57 -4.80 -6.04 3.74
N VAL A 58 -4.02 -6.98 3.24
CA VAL A 58 -3.39 -8.02 4.05
C VAL A 58 -1.94 -8.19 3.62
N VAL A 59 -1.01 -7.94 4.54
CA VAL A 59 0.42 -8.01 4.23
C VAL A 59 0.91 -9.41 3.89
N LEU A 60 1.90 -9.42 3.01
CA LEU A 60 2.55 -10.63 2.55
C LEU A 60 3.95 -10.69 3.12
N SER A 61 4.54 -11.86 3.06
CA SER A 61 5.89 -12.08 3.58
C SER A 61 6.42 -13.44 3.14
N GLY A 1 13.27 -12.30 3.18
CA GLY A 1 13.27 -11.83 1.78
C GLY A 1 12.84 -10.37 1.64
N SER A 2 11.77 -10.14 0.90
CA SER A 2 11.26 -8.79 0.69
C SER A 2 9.88 -8.64 1.33
N HIS A 3 9.62 -7.47 1.90
CA HIS A 3 8.33 -7.19 2.52
C HIS A 3 7.31 -6.81 1.47
N VAL A 4 6.22 -7.57 1.41
CA VAL A 4 5.19 -7.31 0.43
C VAL A 4 3.81 -7.21 1.09
N VAL A 5 2.84 -6.72 0.32
CA VAL A 5 1.47 -6.59 0.82
C VAL A 5 0.48 -7.10 -0.22
N GLN A 6 -0.70 -7.44 0.24
CA GLN A 6 -1.73 -7.98 -0.65
C GLN A 6 -3.06 -7.28 -0.46
N THR A 7 -3.79 -7.09 -1.55
CA THR A 7 -5.09 -6.45 -1.50
C THR A 7 -6.20 -7.40 -1.94
N LEU A 8 -7.43 -6.99 -1.68
CA LEU A 8 -8.59 -7.80 -2.03
C LEU A 8 -9.64 -6.99 -2.79
N TYR A 9 -9.60 -5.66 -2.63
CA TYR A 9 -10.56 -4.79 -3.30
C TYR A 9 -9.85 -3.57 -3.90
N PRO A 10 -10.51 -2.88 -4.85
CA PRO A 10 -9.94 -1.70 -5.51
C PRO A 10 -9.33 -0.73 -4.52
N PHE A 11 -8.66 0.31 -5.04
CA PHE A 11 -8.02 1.31 -4.21
C PHE A 11 -8.85 2.59 -4.13
N SER A 12 -8.93 3.17 -2.94
CA SER A 12 -9.69 4.40 -2.73
C SER A 12 -8.79 5.49 -2.15
N SER A 13 -8.65 6.58 -2.88
CA SER A 13 -7.82 7.70 -2.44
C SER A 13 -8.66 8.90 -2.06
N VAL A 14 -8.01 9.90 -1.49
CA VAL A 14 -8.69 11.12 -1.07
C VAL A 14 -7.69 12.22 -0.73
N THR A 15 -6.62 11.84 -0.05
CA THR A 15 -5.58 12.81 0.34
C THR A 15 -4.71 13.17 -0.86
N GLU A 16 -3.83 14.15 -0.66
CA GLU A 16 -2.93 14.59 -1.72
C GLU A 16 -1.70 13.69 -1.80
N GLU A 17 -1.30 13.14 -0.66
CA GLU A 17 -0.12 12.27 -0.59
C GLU A 17 -0.53 10.80 -0.67
N GLU A 18 -1.59 10.53 -1.42
CA GLU A 18 -2.08 9.17 -1.59
C GLU A 18 -2.00 8.75 -3.05
N LEU A 19 -2.59 7.60 -3.39
CA LEU A 19 -2.55 7.14 -4.76
C LEU A 19 -3.81 6.34 -5.14
N ASN A 20 -4.26 6.55 -6.36
CA ASN A 20 -5.42 5.85 -6.89
C ASN A 20 -4.99 4.94 -8.03
N PHE A 21 -4.89 3.64 -7.73
CA PHE A 21 -4.45 2.66 -8.71
C PHE A 21 -5.54 1.64 -9.03
N GLU A 22 -5.36 0.93 -10.14
CA GLU A 22 -6.31 -0.09 -10.59
C GLU A 22 -6.39 -1.25 -9.59
N LYS A 23 -6.81 -2.42 -10.07
CA LYS A 23 -6.96 -3.59 -9.23
C LYS A 23 -5.69 -3.87 -8.43
N GLY A 24 -5.87 -4.14 -7.14
CA GLY A 24 -4.75 -4.43 -6.27
C GLY A 24 -4.74 -5.88 -5.84
N GLU A 25 -4.04 -6.71 -6.59
CA GLU A 25 -3.95 -8.13 -6.28
C GLU A 25 -2.71 -8.41 -5.46
N THR A 26 -1.78 -7.48 -5.55
CA THR A 26 -0.53 -7.57 -4.83
C THR A 26 0.24 -6.25 -4.87
N MET A 27 0.68 -5.82 -3.71
CA MET A 27 1.43 -4.57 -3.56
C MET A 27 2.57 -4.78 -2.57
N GLU A 28 3.54 -3.87 -2.56
CA GLU A 28 4.67 -3.99 -1.64
C GLU A 28 4.83 -2.72 -0.82
N VAL A 29 4.63 -2.85 0.49
CA VAL A 29 4.74 -1.72 1.40
C VAL A 29 6.16 -1.61 1.98
N ILE A 30 6.69 -0.39 1.93
CA ILE A 30 8.04 -0.13 2.45
C ILE A 30 7.98 0.28 3.92
N GLU A 31 7.41 1.46 4.18
CA GLU A 31 7.28 1.95 5.56
C GLU A 31 6.40 1.01 6.36
N LYS A 32 6.91 0.57 7.51
CA LYS A 32 6.16 -0.35 8.36
C LYS A 32 5.63 0.32 9.62
N PRO A 33 4.59 -0.27 10.23
CA PRO A 33 3.97 0.25 11.43
C PRO A 33 4.54 -0.32 12.72
N GLU A 34 5.67 -1.02 12.60
CA GLU A 34 6.32 -1.60 13.77
C GLU A 34 6.88 -0.53 14.67
N ASN A 35 7.26 0.60 14.08
CA ASN A 35 7.83 1.71 14.82
C ASN A 35 6.94 2.95 14.69
N ASP A 36 6.39 3.15 13.50
CA ASP A 36 5.53 4.29 13.24
C ASP A 36 4.17 3.85 12.70
N PRO A 37 3.14 3.80 13.56
CA PRO A 37 1.79 3.40 13.15
C PRO A 37 1.01 4.53 12.50
N GLU A 38 1.60 5.15 11.48
CA GLU A 38 0.95 6.25 10.78
C GLU A 38 0.38 5.81 9.43
N TRP A 39 1.22 5.78 8.41
CA TRP A 39 0.78 5.39 7.07
C TRP A 39 1.93 4.77 6.29
N TRP A 40 1.61 3.89 5.34
CA TRP A 40 2.63 3.28 4.51
C TRP A 40 2.41 3.60 3.05
N LYS A 41 3.37 3.22 2.22
CA LYS A 41 3.29 3.49 0.79
C LYS A 41 3.96 2.36 0.02
N CYS A 42 3.34 1.94 -1.07
CA CYS A 42 3.88 0.86 -1.87
C CYS A 42 3.95 1.25 -3.34
N LYS A 43 4.87 0.64 -4.08
CA LYS A 43 5.04 0.93 -5.50
C LYS A 43 4.22 -0.02 -6.35
N ASN A 44 3.66 0.50 -7.43
CA ASN A 44 2.85 -0.32 -8.33
C ASN A 44 3.42 -0.29 -9.72
N ALA A 45 2.84 -1.09 -10.60
CA ALA A 45 3.28 -1.12 -11.98
C ALA A 45 3.00 0.23 -12.65
N ARG A 46 2.42 1.14 -11.87
CA ARG A 46 2.10 2.48 -12.32
C ARG A 46 3.33 3.37 -12.22
N GLY A 47 4.39 2.84 -11.59
CA GLY A 47 5.61 3.60 -11.42
C GLY A 47 5.50 4.60 -10.28
N GLN A 48 4.30 4.72 -9.70
CA GLN A 48 4.06 5.65 -8.61
C GLN A 48 3.61 4.94 -7.35
N VAL A 49 4.13 5.37 -6.22
CA VAL A 49 3.73 4.80 -4.94
C VAL A 49 3.20 5.88 -4.01
N GLY A 50 2.01 5.67 -3.49
CA GLY A 50 1.41 6.62 -2.60
C GLY A 50 1.14 6.02 -1.24
N LEU A 51 0.38 6.74 -0.44
CA LEU A 51 0.04 6.27 0.89
C LEU A 51 -1.22 5.42 0.83
N VAL A 52 -1.14 4.23 1.41
CA VAL A 52 -2.26 3.31 1.39
C VAL A 52 -2.56 2.67 2.75
N PRO A 53 -3.84 2.69 3.15
CA PRO A 53 -4.30 2.07 4.40
C PRO A 53 -4.57 0.58 4.19
N LYS A 54 -3.57 -0.25 4.43
CA LYS A 54 -3.72 -1.69 4.23
C LYS A 54 -4.70 -2.32 5.21
N ASN A 55 -5.13 -1.56 6.21
CA ASN A 55 -6.08 -2.07 7.20
C ASN A 55 -7.25 -2.81 6.53
N TYR A 56 -7.49 -2.51 5.25
CA TYR A 56 -8.58 -3.15 4.50
C TYR A 56 -8.04 -4.24 3.58
N VAL A 57 -6.80 -4.63 3.78
CA VAL A 57 -6.14 -5.63 2.96
C VAL A 57 -5.39 -6.63 3.83
N VAL A 58 -4.83 -7.64 3.18
CA VAL A 58 -4.03 -8.63 3.88
C VAL A 58 -2.56 -8.41 3.53
N VAL A 59 -1.77 -7.99 4.51
CA VAL A 59 -0.36 -7.70 4.29
C VAL A 59 0.46 -8.97 4.11
N LEU A 60 1.48 -8.85 3.27
CA LEU A 60 2.37 -9.94 2.99
C LEU A 60 3.63 -9.78 3.83
N SER A 61 4.35 -10.85 3.97
CA SER A 61 5.59 -10.87 4.75
C SER A 61 5.33 -10.46 6.20
N GLY A 1 11.27 -14.56 0.98
CA GLY A 1 12.53 -13.76 0.96
C GLY A 1 12.28 -12.28 0.84
N SER A 2 11.25 -11.92 0.07
CA SER A 2 10.90 -10.52 -0.14
C SER A 2 9.64 -10.16 0.64
N HIS A 3 9.63 -8.98 1.25
CA HIS A 3 8.46 -8.53 2.00
C HIS A 3 7.44 -7.95 1.02
N VAL A 4 6.29 -8.61 0.93
CA VAL A 4 5.26 -8.17 0.01
C VAL A 4 3.92 -8.03 0.72
N VAL A 5 2.98 -7.40 0.05
CA VAL A 5 1.65 -7.19 0.61
C VAL A 5 0.56 -7.57 -0.40
N GLN A 6 -0.63 -7.81 0.13
CA GLN A 6 -1.76 -8.21 -0.69
C GLN A 6 -2.94 -7.28 -0.47
N THR A 7 -3.71 -7.00 -1.51
CA THR A 7 -4.87 -6.12 -1.38
C THR A 7 -6.17 -6.87 -1.61
N LEU A 8 -7.16 -6.56 -0.80
CA LEU A 8 -8.47 -7.19 -0.88
C LEU A 8 -9.51 -6.24 -1.46
N TYR A 9 -9.54 -5.03 -0.91
CA TYR A 9 -10.50 -4.02 -1.34
C TYR A 9 -9.91 -3.12 -2.43
N PRO A 10 -10.77 -2.40 -3.19
CA PRO A 10 -10.31 -1.50 -4.25
C PRO A 10 -9.32 -0.46 -3.75
N PHE A 11 -9.07 0.57 -4.55
CA PHE A 11 -8.12 1.61 -4.17
C PHE A 11 -8.85 2.91 -3.82
N SER A 12 -8.52 3.46 -2.65
CA SER A 12 -9.12 4.71 -2.20
C SER A 12 -8.05 5.69 -1.75
N SER A 13 -7.96 6.83 -2.42
CA SER A 13 -6.96 7.83 -2.08
C SER A 13 -7.46 9.25 -2.35
N VAL A 14 -7.44 10.09 -1.32
CA VAL A 14 -7.90 11.47 -1.44
C VAL A 14 -6.97 12.45 -0.71
N THR A 15 -5.96 11.92 -0.02
CA THR A 15 -5.02 12.78 0.72
C THR A 15 -3.82 13.13 -0.14
N GLU A 16 -3.01 14.08 0.34
CA GLU A 16 -1.82 14.52 -0.38
C GLU A 16 -0.76 13.42 -0.45
N GLU A 17 -0.63 12.67 0.64
CA GLU A 17 0.33 11.58 0.70
C GLU A 17 -0.29 10.26 0.26
N GLU A 18 -1.43 10.35 -0.43
CA GLU A 18 -2.14 9.17 -0.91
C GLU A 18 -1.95 9.00 -2.41
N LEU A 19 -2.61 7.98 -2.98
CA LEU A 19 -2.50 7.72 -4.40
C LEU A 19 -3.68 6.90 -4.92
N ASN A 20 -4.18 7.29 -6.08
CA ASN A 20 -5.28 6.56 -6.70
C ASN A 20 -4.78 5.81 -7.94
N PHE A 21 -4.53 4.52 -7.76
CA PHE A 21 -4.05 3.67 -8.85
C PHE A 21 -4.84 2.37 -8.89
N GLU A 22 -4.78 1.65 -10.00
CA GLU A 22 -5.51 0.39 -10.10
C GLU A 22 -4.87 -0.66 -9.22
N LYS A 23 -5.42 -0.83 -8.03
CA LYS A 23 -4.92 -1.79 -7.06
C LYS A 23 -5.28 -3.22 -7.45
N GLY A 24 -4.31 -4.11 -7.34
CA GLY A 24 -4.55 -5.51 -7.66
C GLY A 24 -4.63 -6.36 -6.41
N GLU A 25 -4.45 -7.66 -6.56
CA GLU A 25 -4.49 -8.57 -5.43
C GLU A 25 -3.09 -8.84 -4.90
N THR A 26 -2.18 -7.91 -5.13
CA THR A 26 -0.81 -8.03 -4.66
C THR A 26 -0.02 -6.75 -4.84
N MET A 27 0.52 -6.26 -3.74
CA MET A 27 1.33 -5.05 -3.72
C MET A 27 2.52 -5.23 -2.78
N GLU A 28 3.51 -4.37 -2.87
CA GLU A 28 4.69 -4.49 -2.00
C GLU A 28 4.86 -3.21 -1.20
N VAL A 29 4.84 -3.31 0.12
CA VAL A 29 4.98 -2.15 0.98
C VAL A 29 6.41 -2.01 1.50
N ILE A 30 6.95 -0.81 1.35
CA ILE A 30 8.31 -0.51 1.79
C ILE A 30 8.36 -0.21 3.30
N GLU A 31 8.08 1.04 3.67
CA GLU A 31 8.09 1.44 5.07
C GLU A 31 6.96 0.75 5.83
N LYS A 32 7.21 0.47 7.11
CA LYS A 32 6.23 -0.20 7.95
C LYS A 32 5.68 0.76 9.01
N PRO A 33 4.50 0.43 9.57
CA PRO A 33 3.86 1.27 10.59
C PRO A 33 4.61 1.27 11.92
N GLU A 34 5.71 0.52 11.99
CA GLU A 34 6.51 0.45 13.20
C GLU A 34 7.01 1.84 13.59
N ASN A 35 7.53 2.57 12.61
CA ASN A 35 8.04 3.92 12.83
C ASN A 35 7.09 4.95 12.23
N ASP A 36 6.41 4.56 11.16
CA ASP A 36 5.47 5.43 10.48
C ASP A 36 4.20 5.61 11.31
N PRO A 37 3.56 6.79 11.23
CA PRO A 37 2.33 7.10 11.96
C PRO A 37 1.37 5.91 12.02
N GLU A 38 0.67 5.65 10.92
CA GLU A 38 -0.29 4.54 10.87
C GLU A 38 -0.63 4.13 9.44
N TRP A 39 0.16 4.59 8.47
CA TRP A 39 -0.10 4.25 7.07
C TRP A 39 1.22 3.96 6.35
N TRP A 40 1.16 3.03 5.39
CA TRP A 40 2.35 2.67 4.63
C TRP A 40 2.22 3.10 3.17
N LYS A 41 3.25 2.85 2.39
CA LYS A 41 3.27 3.22 0.98
C LYS A 41 3.94 2.15 0.13
N CYS A 42 3.34 1.84 -1.01
CA CYS A 42 3.88 0.84 -1.91
C CYS A 42 3.91 1.37 -3.33
N LYS A 43 4.79 0.81 -4.15
CA LYS A 43 4.92 1.24 -5.55
C LYS A 43 4.02 0.44 -6.47
N ASN A 44 3.36 1.14 -7.38
CA ASN A 44 2.46 0.56 -8.33
C ASN A 44 3.03 0.69 -9.73
N ALA A 45 2.35 0.10 -10.70
CA ALA A 45 2.80 0.18 -12.07
C ALA A 45 2.52 1.58 -12.65
N ARG A 46 1.96 2.45 -11.82
CA ARG A 46 1.64 3.81 -12.23
C ARG A 46 2.88 4.72 -12.10
N GLY A 47 3.95 4.18 -11.52
CA GLY A 47 5.18 4.93 -11.36
C GLY A 47 5.24 5.75 -10.08
N GLN A 48 4.08 5.98 -9.47
CA GLN A 48 4.00 6.74 -8.24
C GLN A 48 3.44 5.89 -7.12
N VAL A 49 4.03 6.03 -5.93
CA VAL A 49 3.56 5.27 -4.78
C VAL A 49 3.03 6.21 -3.71
N GLY A 50 1.82 5.95 -3.27
CA GLY A 50 1.21 6.77 -2.25
C GLY A 50 1.03 5.99 -0.97
N LEU A 51 -0.05 6.28 -0.26
CA LEU A 51 -0.34 5.59 0.98
C LEU A 51 -1.58 4.73 0.85
N VAL A 52 -1.40 3.43 0.99
CA VAL A 52 -2.50 2.48 0.87
C VAL A 52 -3.12 2.19 2.23
N PRO A 53 -4.45 2.07 2.28
CA PRO A 53 -5.20 1.78 3.51
C PRO A 53 -4.84 0.41 4.06
N LYS A 54 -3.88 0.37 4.97
CA LYS A 54 -3.44 -0.89 5.56
C LYS A 54 -4.62 -1.67 6.14
N ASN A 55 -5.69 -0.96 6.46
CA ASN A 55 -6.88 -1.58 7.02
C ASN A 55 -7.72 -2.26 5.95
N TYR A 56 -7.40 -1.98 4.69
CA TYR A 56 -8.12 -2.56 3.57
C TYR A 56 -7.26 -3.57 2.82
N VAL A 57 -6.18 -4.00 3.44
CA VAL A 57 -5.28 -4.96 2.79
C VAL A 57 -4.71 -5.98 3.76
N VAL A 58 -4.13 -7.04 3.19
CA VAL A 58 -3.51 -8.09 3.97
C VAL A 58 -2.05 -8.23 3.55
N VAL A 59 -1.14 -7.94 4.46
CA VAL A 59 0.29 -7.99 4.16
C VAL A 59 0.77 -9.40 3.87
N LEU A 60 1.76 -9.46 2.99
CA LEU A 60 2.38 -10.69 2.59
C LEU A 60 3.75 -10.80 3.27
N SER A 61 4.29 -11.99 3.27
CA SER A 61 5.58 -12.26 3.89
C SER A 61 6.68 -11.42 3.23
#